data_4TYN
#
_entry.id   4TYN
#
_cell.length_a   90.389
_cell.length_b   126.189
_cell.length_c   55.231
_cell.angle_alpha   90.00
_cell.angle_beta   90.00
_cell.angle_gamma   90.00
#
_symmetry.space_group_name_H-M   'P 21 21 2'
#
loop_
_entity.id
_entity.type
_entity.pdbx_description
1 polymer "DNA (5'-D(P*AP*AP*AP*AP*AP*AP*A)-3')"
2 polymer 'ATP-dependent RNA helicase MSS116, mitochondrial'
3 non-polymer 'MAGNESIUM ION'
4 non-polymer 'BERYLLIUM TRIFLUORIDE ION'
5 non-polymer "ADENOSINE-5'-DIPHOSPHATE"
#
loop_
_entity_poly.entity_id
_entity_poly.type
_entity_poly.pdbx_seq_one_letter_code
_entity_poly.pdbx_strand_id
1 'polydeoxyribonucleotide' (DA)(DA)(DA)(DA)(DA)(DA)(DA) B
2 'polypeptide(L)'
;SKLIHVPKEDNSKEVTLDSLLEEGVLDKEIHKAITRMEFPGLTPVQQKTIKPILSSEDHDVIARAKTGTGKTFAFLIPIF
QHLINTKFDSQYMVKAVIVAPTRDLALQIEAEVKKIHDMNYGLKKYACVSLVGGTDFRAAMNKMNKLRPNIVIATPGRLI
DVLEKYSNKFFRFVDYKVLDEADRLLEIGFRDDLETISGILNEKNSKSADNIKTLLFSATLDDKVQKLANNIMNKKECLF
LDTVDKNEPEAHERIDQSVVISEKFANSIFAAVEHIKKQIKERDSNYKAIIFAPTVKFTSFLCSILKNEFKKDLPILEFH
GKITQNKRTSLVKRFKKDESGILVCTDVGARGMDFPNVHEVLQIGVPSELANYIHRIGRTARSGKEGSSVLFICKDELPF
VRELEDAKNIVIAKQEKYEPSEEIKSEVLEAVTEEPEDISDIVISLISSYRSCIKEYRFSERRILPEIASTYGVLLNDPQ
LKIPVSRRFLDKLGLSRSPIGKAMFEIRD
;
A
#
loop_
_chem_comp.id
_chem_comp.type
_chem_comp.name
_chem_comp.formula
ADP non-polymer ADENOSINE-5'-DIPHOSPHATE 'C10 H15 N5 O10 P2'
BEF non-polymer 'BERYLLIUM TRIFLUORIDE ION' 'Be F3 -1'
DA DNA linking 2'-DEOXYADENOSINE-5'-MONOPHOSPHATE 'C10 H14 N5 O6 P'
MG non-polymer 'MAGNESIUM ION' 'Mg 2'
#
# COMPACT_ATOMS: atom_id res chain seq x y z
N SER B 1 -24.41 -11.40 6.55
CA SER B 1 -24.60 -11.94 7.90
C SER B 1 -24.72 -10.80 8.91
N LYS B 2 -24.57 -11.13 10.19
CA LYS B 2 -24.73 -10.15 11.26
C LYS B 2 -23.40 -9.50 11.65
N LEU B 3 -23.36 -8.17 11.59
CA LEU B 3 -22.16 -7.42 11.94
C LEU B 3 -22.28 -6.81 13.34
N ILE B 4 -21.27 -7.07 14.17
CA ILE B 4 -21.26 -6.62 15.56
C ILE B 4 -20.15 -5.60 15.79
N HIS B 5 -20.53 -4.34 15.96
CA HIS B 5 -19.57 -3.28 16.22
C HIS B 5 -18.93 -3.40 17.59
N VAL B 6 -17.67 -2.99 17.68
CA VAL B 6 -16.96 -2.87 18.95
C VAL B 6 -16.17 -1.57 18.92
N PRO B 7 -16.88 -0.43 19.08
CA PRO B 7 -16.27 0.91 18.95
C PRO B 7 -15.10 1.15 19.88
N LYS B 8 -14.33 2.20 19.59
CA LYS B 8 -13.18 2.57 20.40
C LYS B 8 -13.63 3.00 21.80
N GLU B 9 -12.92 2.53 22.81
CA GLU B 9 -13.20 2.88 24.19
C GLU B 9 -11.98 3.52 24.85
N ASP B 10 -12.15 4.74 25.35
CA ASP B 10 -11.06 5.44 26.04
C ASP B 10 -10.74 4.75 27.36
N ASN B 11 -11.78 4.49 28.15
CA ASN B 11 -11.63 3.80 29.43
C ASN B 11 -11.60 2.29 29.24
N SER B 12 -10.43 1.77 28.86
CA SER B 12 -10.25 0.34 28.61
C SER B 12 -9.06 -0.20 29.39
N LYS B 13 -9.29 -1.28 30.13
CA LYS B 13 -8.21 -1.94 30.86
C LYS B 13 -7.16 -2.44 29.88
N GLU B 14 -5.90 -2.14 30.15
CA GLU B 14 -4.83 -2.46 29.22
C GLU B 14 -4.64 -3.96 29.07
N VAL B 15 -4.00 -4.35 27.97
CA VAL B 15 -3.69 -5.75 27.70
C VAL B 15 -2.21 -5.87 27.37
N THR B 16 -1.55 -6.83 28.02
CA THR B 16 -0.12 -7.05 27.81
C THR B 16 0.17 -8.50 27.51
N LEU B 17 1.41 -8.77 27.11
CA LEU B 17 1.85 -10.14 26.87
C LEU B 17 1.79 -10.94 28.16
N ASP B 18 2.22 -10.32 29.25
CA ASP B 18 2.21 -10.94 30.56
C ASP B 18 0.79 -11.33 30.97
N SER B 19 -0.15 -10.42 30.78
CA SER B 19 -1.54 -10.68 31.13
C SER B 19 -2.07 -11.84 30.29
N LEU B 20 -1.91 -11.72 28.97
CA LEU B 20 -2.37 -12.74 28.04
C LEU B 20 -1.69 -14.08 28.31
N LEU B 21 -0.47 -14.03 28.84
CA LEU B 21 0.22 -15.26 29.25
C LEU B 21 -0.43 -15.85 30.50
N GLU B 22 -0.59 -15.01 31.53
CA GLU B 22 -1.18 -15.45 32.79
C GLU B 22 -2.63 -15.84 32.60
N GLU B 23 -3.30 -15.20 31.64
CA GLU B 23 -4.71 -15.48 31.38
C GLU B 23 -4.87 -16.80 30.62
N GLY B 24 -3.77 -17.30 30.06
CA GLY B 24 -3.76 -18.58 29.39
C GLY B 24 -4.06 -18.51 27.90
N VAL B 25 -4.13 -17.30 27.36
CA VAL B 25 -4.42 -17.11 25.94
C VAL B 25 -3.20 -17.44 25.09
N LEU B 26 -2.03 -17.01 25.56
CA LEU B 26 -0.79 -17.18 24.83
C LEU B 26 0.17 -18.14 25.51
N ASP B 27 0.66 -19.12 24.74
CA ASP B 27 1.69 -20.04 25.21
C ASP B 27 2.98 -19.26 25.46
N LYS B 28 3.88 -19.84 26.25
CA LYS B 28 5.11 -19.16 26.64
C LYS B 28 6.01 -18.82 25.45
N GLU B 29 6.03 -19.70 24.46
CA GLU B 29 6.99 -19.58 23.36
C GLU B 29 6.79 -18.35 22.48
N ILE B 30 5.54 -17.94 22.27
CA ILE B 30 5.26 -16.75 21.46
C ILE B 30 5.50 -15.49 22.29
N HIS B 31 5.09 -15.54 23.56
CA HIS B 31 5.34 -14.48 24.51
C HIS B 31 6.84 -14.16 24.52
N LYS B 32 7.63 -15.22 24.68
CA LYS B 32 9.09 -15.12 24.66
C LYS B 32 9.57 -14.37 23.42
N ALA B 33 8.97 -14.68 22.27
CA ALA B 33 9.37 -14.07 21.01
C ALA B 33 9.01 -12.59 20.95
N ILE B 34 7.76 -12.27 21.26
CA ILE B 34 7.31 -10.88 21.18
C ILE B 34 7.97 -9.98 22.24
N THR B 35 8.23 -10.52 23.42
CA THR B 35 8.85 -9.72 24.47
C THR B 35 10.26 -9.28 24.10
N ARG B 36 11.00 -10.16 23.44
CA ARG B 36 12.38 -9.87 23.06
C ARG B 36 12.49 -8.78 22.00
N MET B 37 11.38 -8.46 21.34
CA MET B 37 11.35 -7.35 20.40
C MET B 37 11.42 -6.02 21.14
N GLU B 38 11.19 -6.08 22.45
CA GLU B 38 11.39 -4.94 23.34
C GLU B 38 10.53 -3.74 22.94
N PHE B 39 9.27 -4.00 22.66
CA PHE B 39 8.30 -2.93 22.43
C PHE B 39 7.90 -2.34 23.77
N PRO B 40 7.48 -1.06 23.80
CA PRO B 40 6.97 -0.49 25.05
C PRO B 40 5.79 -1.30 25.59
N GLY B 41 4.77 -1.45 24.75
CA GLY B 41 3.61 -2.24 25.09
C GLY B 41 2.80 -2.49 23.83
N LEU B 42 1.84 -3.41 23.90
CA LEU B 42 1.03 -3.75 22.74
C LEU B 42 0.24 -2.55 22.24
N THR B 43 0.22 -2.35 20.93
CA THR B 43 -0.55 -1.27 20.33
C THR B 43 -2.04 -1.58 20.48
N PRO B 44 -2.90 -0.54 20.42
CA PRO B 44 -4.35 -0.70 20.62
C PRO B 44 -4.94 -1.89 19.86
N VAL B 45 -4.76 -1.91 18.54
CA VAL B 45 -5.36 -2.94 17.70
C VAL B 45 -4.91 -4.33 18.14
N GLN B 46 -3.66 -4.45 18.55
CA GLN B 46 -3.15 -5.71 19.06
C GLN B 46 -3.85 -6.11 20.35
N GLN B 47 -3.94 -5.16 21.27
CA GLN B 47 -4.66 -5.39 22.52
C GLN B 47 -6.11 -5.79 22.24
N LYS B 48 -6.68 -5.19 21.20
CA LYS B 48 -8.08 -5.44 20.88
C LYS B 48 -8.32 -6.70 20.04
N THR B 49 -7.35 -7.10 19.21
CA THR B 49 -7.57 -8.20 18.27
C THR B 49 -7.22 -9.61 18.79
N ILE B 50 -6.09 -9.74 19.47
CA ILE B 50 -5.51 -11.06 19.75
C ILE B 50 -6.49 -12.04 20.39
N LYS B 51 -7.10 -11.65 21.51
CA LYS B 51 -7.99 -12.55 22.24
C LYS B 51 -9.20 -12.93 21.38
N PRO B 52 -9.91 -11.94 20.81
CA PRO B 52 -11.06 -12.26 19.95
C PRO B 52 -10.73 -13.18 18.76
N ILE B 53 -9.65 -12.90 18.04
CA ILE B 53 -9.26 -13.73 16.91
C ILE B 53 -9.09 -15.19 17.33
N LEU B 54 -8.64 -15.39 18.56
CA LEU B 54 -8.46 -16.73 19.11
C LEU B 54 -9.69 -17.23 19.84
N SER B 55 -10.52 -16.29 20.31
CA SER B 55 -11.65 -16.56 21.19
C SER B 55 -12.60 -17.63 20.65
N SER B 56 -13.62 -17.21 19.91
CA SER B 56 -14.65 -18.13 19.43
C SER B 56 -14.21 -18.87 18.18
N GLU B 57 -14.60 -20.13 18.09
CA GLU B 57 -14.40 -20.91 16.87
C GLU B 57 -15.38 -20.44 15.79
N ASP B 58 -16.25 -19.51 16.14
CA ASP B 58 -17.21 -18.94 15.20
C ASP B 58 -16.73 -17.60 14.67
N HIS B 59 -17.38 -16.51 15.12
CA HIS B 59 -17.27 -15.15 14.54
C HIS B 59 -16.09 -14.81 13.63
N ASP B 60 -16.39 -14.26 12.46
CA ASP B 60 -15.37 -13.67 11.59
C ASP B 60 -14.86 -12.39 12.22
N VAL B 61 -13.83 -11.78 11.64
CA VAL B 61 -13.19 -10.60 12.22
C VAL B 61 -12.83 -9.53 11.20
N ILE B 62 -13.32 -8.31 11.43
CA ILE B 62 -12.85 -7.13 10.73
C ILE B 62 -12.18 -6.23 11.75
N ALA B 63 -11.06 -5.63 11.38
CA ALA B 63 -10.31 -4.77 12.28
C ALA B 63 -9.79 -3.54 11.55
N ARG B 64 -10.07 -2.36 12.11
CA ARG B 64 -9.56 -1.11 11.55
C ARG B 64 -8.60 -0.43 12.51
N ALA B 65 -7.42 -0.07 11.99
CA ALA B 65 -6.41 0.62 12.78
C ALA B 65 -5.49 1.40 11.87
N LYS B 66 -5.08 2.58 12.32
CA LYS B 66 -4.32 3.49 11.47
C LYS B 66 -2.98 2.92 11.04
N THR B 67 -2.33 3.59 10.10
CA THR B 67 -1.10 3.09 9.49
C THR B 67 0.05 3.03 10.49
N GLY B 68 0.81 1.95 10.42
CA GLY B 68 2.01 1.80 11.22
C GLY B 68 1.78 1.55 12.69
N THR B 69 0.59 1.04 13.03
CA THR B 69 0.23 0.78 14.42
C THR B 69 0.24 -0.72 14.74
N GLY B 70 1.06 -1.47 14.01
CA GLY B 70 1.28 -2.88 14.30
C GLY B 70 0.12 -3.81 13.96
N LYS B 71 -0.52 -3.58 12.81
CA LYS B 71 -1.62 -4.43 12.37
C LYS B 71 -1.14 -5.81 11.97
N THR B 72 0.15 -5.94 11.67
CA THR B 72 0.70 -7.21 11.20
C THR B 72 0.76 -8.25 12.32
N PHE B 73 1.50 -7.93 13.39
CA PHE B 73 1.60 -8.83 14.54
C PHE B 73 0.24 -9.05 15.17
N ALA B 74 -0.65 -8.08 14.99
CA ALA B 74 -2.00 -8.17 15.52
C ALA B 74 -2.73 -9.41 15.01
N PHE B 75 -2.28 -9.96 13.88
CA PHE B 75 -2.81 -11.23 13.40
C PHE B 75 -1.72 -12.30 13.28
N LEU B 76 -0.46 -11.89 13.17
CA LEU B 76 0.62 -12.88 13.11
C LEU B 76 0.80 -13.58 14.45
N ILE B 77 0.57 -12.87 15.56
CA ILE B 77 0.72 -13.49 16.87
C ILE B 77 -0.37 -14.55 17.12
N PRO B 78 -1.66 -14.16 17.00
CA PRO B 78 -2.74 -15.14 17.17
C PRO B 78 -2.58 -16.39 16.32
N ILE B 79 -2.10 -16.20 15.09
CA ILE B 79 -1.89 -17.33 14.19
C ILE B 79 -0.89 -18.29 14.79
N PHE B 80 0.27 -17.78 15.16
CA PHE B 80 1.30 -18.60 15.82
C PHE B 80 0.71 -19.29 17.05
N GLN B 81 -0.05 -18.54 17.84
CA GLN B 81 -0.70 -19.13 19.01
C GLN B 81 -1.59 -20.31 18.60
N HIS B 82 -2.42 -20.11 17.58
CA HIS B 82 -3.28 -21.16 17.08
C HIS B 82 -2.45 -22.34 16.57
N LEU B 83 -1.31 -22.05 15.98
CA LEU B 83 -0.42 -23.10 15.50
C LEU B 83 0.12 -23.91 16.68
N ILE B 84 0.47 -23.22 17.77
CA ILE B 84 0.90 -23.90 18.98
C ILE B 84 -0.26 -24.70 19.58
N ASN B 85 -1.47 -24.15 19.50
CA ASN B 85 -2.64 -24.83 20.05
C ASN B 85 -3.02 -26.13 19.34
N THR B 86 -2.42 -26.38 18.18
CA THR B 86 -2.79 -27.55 17.36
C THR B 86 -1.57 -28.22 16.73
N LYS B 87 -0.45 -28.22 17.44
CA LYS B 87 0.81 -28.70 16.88
C LYS B 87 0.81 -30.21 16.56
N PHE B 88 -0.14 -30.94 17.13
CA PHE B 88 -0.21 -32.40 16.91
C PHE B 88 -1.25 -32.79 15.86
N ASP B 89 -1.99 -31.80 15.36
CA ASP B 89 -3.00 -32.04 14.34
C ASP B 89 -2.57 -31.44 13.01
N SER B 90 -2.40 -32.29 12.00
CA SER B 90 -2.02 -31.85 10.66
C SER B 90 -0.74 -31.02 10.71
N GLN B 91 0.34 -31.64 11.19
CA GLN B 91 1.56 -30.91 11.49
C GLN B 91 2.41 -30.62 10.25
N TYR B 92 1.92 -31.00 9.07
CA TYR B 92 2.63 -30.74 7.83
C TYR B 92 1.72 -30.07 6.79
N MET B 93 0.72 -29.36 7.28
CA MET B 93 -0.30 -28.75 6.43
C MET B 93 -0.44 -27.25 6.69
N VAL B 94 -0.88 -26.52 5.67
CA VAL B 94 -1.12 -25.09 5.81
C VAL B 94 -2.39 -24.85 6.62
N LYS B 95 -2.24 -24.11 7.72
CA LYS B 95 -3.37 -23.81 8.60
C LYS B 95 -3.80 -22.35 8.48
N ALA B 96 -2.90 -21.51 7.99
CA ALA B 96 -3.15 -20.08 7.86
C ALA B 96 -2.67 -19.55 6.52
N VAL B 97 -3.55 -18.83 5.83
CA VAL B 97 -3.24 -18.24 4.53
C VAL B 97 -3.43 -16.74 4.59
N ILE B 98 -2.36 -16.00 4.32
CA ILE B 98 -2.40 -14.53 4.33
C ILE B 98 -2.26 -14.00 2.92
N VAL B 99 -3.08 -13.02 2.57
CA VAL B 99 -3.11 -12.45 1.23
C VAL B 99 -2.82 -10.94 1.30
N ALA B 100 -2.04 -10.45 0.34
CA ALA B 100 -1.69 -9.03 0.28
C ALA B 100 -1.74 -8.51 -1.16
N PRO B 101 -2.09 -7.22 -1.34
CA PRO B 101 -2.27 -6.63 -2.68
C PRO B 101 -1.00 -6.54 -3.52
N THR B 102 0.16 -6.40 -2.88
CA THR B 102 1.43 -6.33 -3.59
C THR B 102 2.38 -7.43 -3.14
N ARG B 103 3.45 -7.61 -3.90
CA ARG B 103 4.42 -8.68 -3.63
C ARG B 103 5.39 -8.28 -2.51
N ASP B 104 5.86 -7.04 -2.55
CA ASP B 104 6.80 -6.57 -1.55
C ASP B 104 6.18 -6.62 -0.17
N LEU B 105 4.88 -6.35 -0.10
CA LEU B 105 4.15 -6.41 1.17
C LEU B 105 4.10 -7.84 1.69
N ALA B 106 3.75 -8.77 0.80
CA ALA B 106 3.73 -10.19 1.14
C ALA B 106 5.10 -10.62 1.67
N LEU B 107 6.15 -10.30 0.91
CA LEU B 107 7.50 -10.65 1.29
C LEU B 107 7.88 -9.99 2.63
N GLN B 108 7.40 -8.77 2.84
CA GLN B 108 7.61 -8.08 4.10
C GLN B 108 6.96 -8.85 5.26
N ILE B 109 5.71 -9.25 5.08
CA ILE B 109 5.02 -10.05 6.08
C ILE B 109 5.79 -11.34 6.36
N GLU B 110 6.25 -11.99 5.29
CA GLU B 110 7.08 -13.17 5.44
C GLU B 110 8.29 -12.84 6.32
N ALA B 111 8.97 -11.75 5.99
CA ALA B 111 10.11 -11.30 6.77
C ALA B 111 9.75 -11.09 8.24
N GLU B 112 8.58 -10.52 8.50
CA GLU B 112 8.09 -10.37 9.87
C GLU B 112 7.92 -11.72 10.57
N VAL B 113 7.32 -12.68 9.85
CA VAL B 113 7.23 -14.04 10.38
C VAL B 113 8.64 -14.55 10.69
N LYS B 114 9.58 -14.26 9.80
CA LYS B 114 10.97 -14.67 10.02
C LYS B 114 11.59 -13.95 11.21
N LYS B 115 11.17 -12.71 11.46
CA LYS B 115 11.59 -12.01 12.68
C LYS B 115 11.08 -12.75 13.91
N ILE B 116 9.80 -13.10 13.89
CA ILE B 116 9.23 -13.91 14.97
C ILE B 116 10.04 -15.19 15.15
N HIS B 117 10.36 -15.84 14.03
CA HIS B 117 11.22 -17.02 14.07
C HIS B 117 12.58 -16.70 14.68
N ASP B 118 13.14 -15.55 14.33
CA ASP B 118 14.44 -15.15 14.84
C ASP B 118 14.43 -14.93 16.35
N MET B 119 13.37 -14.29 16.85
CA MET B 119 13.28 -14.02 18.28
C MET B 119 13.06 -15.29 19.12
N ASN B 120 12.74 -16.40 18.47
CA ASN B 120 12.58 -17.67 19.17
C ASN B 120 12.75 -18.85 18.21
N TYR B 121 13.90 -19.51 18.28
CA TYR B 121 14.20 -20.63 17.40
C TYR B 121 13.23 -21.78 17.59
N GLY B 122 12.53 -21.78 18.72
CA GLY B 122 11.56 -22.83 19.00
C GLY B 122 10.32 -22.73 18.12
N LEU B 123 10.21 -21.63 17.38
CA LEU B 123 9.04 -21.40 16.52
C LEU B 123 9.35 -21.64 15.05
N LYS B 124 10.59 -22.00 14.75
CA LYS B 124 10.99 -22.27 13.37
C LYS B 124 10.34 -23.54 12.83
N LYS B 125 9.88 -24.41 13.74
CA LYS B 125 9.17 -25.63 13.35
C LYS B 125 7.88 -25.30 12.61
N TYR B 126 7.31 -24.15 12.93
CA TYR B 126 6.13 -23.65 12.22
C TYR B 126 6.58 -22.91 10.97
N ALA B 127 6.95 -23.68 9.94
CA ALA B 127 7.57 -23.11 8.75
C ALA B 127 6.66 -22.13 8.02
N CYS B 128 7.26 -21.34 7.14
CA CYS B 128 6.53 -20.32 6.39
C CYS B 128 7.08 -20.16 4.99
N VAL B 129 6.21 -20.24 4.00
CA VAL B 129 6.59 -20.05 2.60
C VAL B 129 5.76 -18.92 1.99
N SER B 130 6.43 -18.10 1.18
CA SER B 130 5.77 -17.03 0.45
C SER B 130 5.51 -17.44 -0.99
N LEU B 131 4.31 -17.15 -1.48
CA LEU B 131 3.92 -17.49 -2.85
C LEU B 131 3.48 -16.24 -3.61
N VAL B 132 4.44 -15.52 -4.19
CA VAL B 132 4.16 -14.28 -4.90
C VAL B 132 4.56 -14.38 -6.37
N GLY B 133 3.92 -13.56 -7.20
CA GLY B 133 4.22 -13.54 -8.62
C GLY B 133 5.59 -12.94 -8.89
N GLY B 134 6.11 -13.19 -10.08
CA GLY B 134 7.40 -12.65 -10.47
C GLY B 134 8.58 -13.44 -9.92
N THR B 135 8.31 -14.65 -9.44
CA THR B 135 9.36 -15.53 -8.92
C THR B 135 9.19 -16.93 -9.49
N ASP B 136 10.19 -17.78 -9.31
CA ASP B 136 10.15 -19.12 -9.88
C ASP B 136 9.13 -20.00 -9.16
N PHE B 137 8.18 -20.52 -9.94
CA PHE B 137 7.12 -21.38 -9.45
C PHE B 137 7.69 -22.67 -8.85
N ARG B 138 8.52 -23.34 -9.64
CA ARG B 138 9.10 -24.61 -9.25
C ARG B 138 9.86 -24.50 -7.93
N ALA B 139 10.65 -23.44 -7.78
CA ALA B 139 11.42 -23.22 -6.56
C ALA B 139 10.49 -23.03 -5.38
N ALA B 140 9.44 -22.22 -5.56
CA ALA B 140 8.46 -21.98 -4.52
C ALA B 140 7.81 -23.30 -4.10
N MET B 141 7.44 -24.13 -5.07
CA MET B 141 6.84 -25.41 -4.78
CA MET B 141 6.84 -25.42 -4.77
C MET B 141 7.85 -26.37 -4.14
N ASN B 142 9.11 -26.25 -4.53
CA ASN B 142 10.16 -27.07 -3.92
C ASN B 142 10.30 -26.68 -2.46
N LYS B 143 10.22 -25.37 -2.20
CA LYS B 143 10.22 -24.87 -0.83
C LYS B 143 8.99 -25.38 -0.07
N MET B 144 7.83 -25.33 -0.73
CA MET B 144 6.60 -25.84 -0.16
C MET B 144 6.74 -27.30 0.27
N ASN B 145 7.25 -28.12 -0.65
CA ASN B 145 7.49 -29.54 -0.36
C ASN B 145 8.51 -29.73 0.75
N LYS B 146 9.61 -29.00 0.66
CA LYS B 146 10.68 -29.11 1.64
C LYS B 146 10.21 -28.78 3.06
N LEU B 147 9.68 -27.58 3.25
CA LEU B 147 9.37 -27.11 4.59
C LEU B 147 8.03 -27.61 5.12
N ARG B 148 7.08 -27.86 4.22
CA ARG B 148 5.71 -28.16 4.61
C ARG B 148 5.18 -27.06 5.53
N PRO B 149 5.04 -25.84 5.00
CA PRO B 149 4.70 -24.65 5.77
C PRO B 149 3.32 -24.68 6.43
N ASN B 150 3.24 -24.16 7.64
CA ASN B 150 1.97 -23.99 8.33
C ASN B 150 1.35 -22.65 7.98
N ILE B 151 2.20 -21.70 7.58
CA ILE B 151 1.74 -20.36 7.20
C ILE B 151 2.17 -20.04 5.76
N VAL B 152 1.19 -19.63 4.95
CA VAL B 152 1.46 -19.18 3.59
C VAL B 152 1.08 -17.71 3.46
N ILE B 153 2.01 -16.92 2.94
CA ILE B 153 1.72 -15.55 2.53
C ILE B 153 1.81 -15.51 1.01
N ALA B 154 0.84 -14.86 0.36
CA ALA B 154 0.78 -14.91 -1.09
C ALA B 154 0.04 -13.72 -1.69
N THR B 155 0.25 -13.55 -3.00
CA THR B 155 -0.57 -12.65 -3.79
C THR B 155 -1.62 -13.51 -4.49
N PRO B 156 -2.82 -12.96 -4.73
CA PRO B 156 -3.96 -13.76 -5.20
C PRO B 156 -3.67 -14.63 -6.43
N GLY B 157 -3.14 -14.03 -7.49
CA GLY B 157 -2.92 -14.73 -8.74
C GLY B 157 -2.07 -15.98 -8.62
N ARG B 158 -0.85 -15.81 -8.12
CA ARG B 158 0.05 -16.94 -7.93
C ARG B 158 -0.60 -17.96 -6.99
N LEU B 159 -1.26 -17.49 -5.94
CA LEU B 159 -1.93 -18.37 -5.01
C LEU B 159 -2.96 -19.23 -5.76
N ILE B 160 -3.74 -18.61 -6.64
CA ILE B 160 -4.68 -19.36 -7.47
C ILE B 160 -3.93 -20.37 -8.32
N ASP B 161 -2.86 -19.92 -8.97
CA ASP B 161 -2.03 -20.81 -9.79
C ASP B 161 -1.51 -22.00 -8.99
N VAL B 162 -1.20 -21.79 -7.71
CA VAL B 162 -0.78 -22.88 -6.85
C VAL B 162 -1.95 -23.79 -6.45
N LEU B 163 -3.07 -23.18 -6.08
CA LEU B 163 -4.23 -23.93 -5.61
C LEU B 163 -4.78 -24.85 -6.69
N GLU B 164 -4.95 -24.30 -7.90
CA GLU B 164 -5.50 -25.07 -9.01
C GLU B 164 -4.66 -26.30 -9.33
N LYS B 165 -3.42 -26.32 -8.85
CA LYS B 165 -2.50 -27.43 -9.11
C LYS B 165 -2.25 -28.30 -7.88
N TYR B 166 -2.26 -27.70 -6.69
CA TYR B 166 -1.88 -28.42 -5.47
C TYR B 166 -2.79 -28.13 -4.28
N SER B 167 -4.01 -27.71 -4.53
CA SER B 167 -4.98 -27.47 -3.47
C SER B 167 -5.14 -28.64 -2.49
N ASN B 168 -5.02 -29.87 -2.99
CA ASN B 168 -5.23 -31.05 -2.17
C ASN B 168 -4.04 -31.38 -1.27
N LYS B 169 -2.85 -30.98 -1.69
CA LYS B 169 -1.63 -31.42 -1.03
C LYS B 169 -1.29 -30.62 0.22
N PHE B 170 -1.59 -29.33 0.22
CA PHE B 170 -1.18 -28.44 1.30
C PHE B 170 -2.36 -27.73 1.97
N PHE B 171 -3.42 -27.48 1.21
CA PHE B 171 -4.46 -26.54 1.65
C PHE B 171 -5.79 -27.18 2.04
N ARG B 172 -5.76 -28.45 2.44
CA ARG B 172 -6.99 -29.15 2.79
C ARG B 172 -7.38 -28.98 4.26
N PHE B 173 -6.59 -28.22 5.01
CA PHE B 173 -6.82 -28.05 6.45
C PHE B 173 -6.60 -26.62 6.94
N VAL B 174 -6.86 -25.64 6.07
CA VAL B 174 -6.76 -24.24 6.46
C VAL B 174 -7.81 -23.93 7.52
N ASP B 175 -7.45 -23.08 8.48
CA ASP B 175 -8.34 -22.70 9.57
C ASP B 175 -8.48 -21.18 9.65
N TYR B 176 -7.52 -20.47 9.07
CA TYR B 176 -7.52 -19.00 9.07
C TYR B 176 -7.23 -18.44 7.68
N LYS B 177 -7.95 -17.38 7.33
CA LYS B 177 -7.75 -16.67 6.07
C LYS B 177 -7.61 -15.18 6.37
N VAL B 178 -6.50 -14.59 5.93
CA VAL B 178 -6.20 -13.20 6.29
C VAL B 178 -6.03 -12.31 5.06
N LEU B 179 -6.91 -11.32 4.96
CA LEU B 179 -6.82 -10.32 3.91
C LEU B 179 -6.25 -9.03 4.49
N ASP B 180 -4.94 -8.83 4.32
CA ASP B 180 -4.31 -7.59 4.73
C ASP B 180 -4.61 -6.54 3.66
N GLU B 181 -4.81 -5.30 4.09
CA GLU B 181 -5.28 -4.24 3.19
C GLU B 181 -6.56 -4.74 2.52
N ALA B 182 -7.51 -5.16 3.35
CA ALA B 182 -8.69 -5.89 2.89
C ALA B 182 -9.48 -5.13 1.83
N ASP B 183 -9.58 -3.82 1.98
CA ASP B 183 -10.39 -3.02 1.06
C ASP B 183 -9.85 -3.08 -0.37
N ARG B 184 -8.53 -2.98 -0.51
CA ARG B 184 -7.89 -3.07 -1.82
C ARG B 184 -8.14 -4.43 -2.47
N LEU B 185 -8.10 -5.48 -1.65
CA LEU B 185 -8.29 -6.83 -2.15
C LEU B 185 -9.75 -7.09 -2.54
N LEU B 186 -10.62 -6.16 -2.19
CA LEU B 186 -12.04 -6.27 -2.51
C LEU B 186 -12.42 -5.33 -3.65
N GLU B 187 -11.45 -4.61 -4.17
CA GLU B 187 -11.66 -3.74 -5.34
C GLU B 187 -11.76 -4.59 -6.60
N ILE B 188 -12.14 -3.95 -7.70
CA ILE B 188 -12.31 -4.66 -8.96
C ILE B 188 -10.93 -5.08 -9.45
N GLY B 189 -10.84 -6.31 -9.96
CA GLY B 189 -9.58 -6.85 -10.42
C GLY B 189 -8.89 -7.69 -9.35
N PHE B 190 -9.45 -7.67 -8.14
CA PHE B 190 -8.95 -8.47 -7.02
C PHE B 190 -10.04 -9.35 -6.43
N ARG B 191 -11.26 -8.81 -6.35
CA ARG B 191 -12.35 -9.48 -5.65
C ARG B 191 -12.66 -10.87 -6.22
N ASP B 192 -12.66 -10.99 -7.54
CA ASP B 192 -12.89 -12.28 -8.19
C ASP B 192 -11.89 -13.32 -7.71
N ASP B 193 -10.62 -12.94 -7.70
CA ASP B 193 -9.55 -13.83 -7.27
C ASP B 193 -9.74 -14.27 -5.83
N LEU B 194 -10.06 -13.31 -4.96
CA LEU B 194 -10.28 -13.62 -3.55
C LEU B 194 -11.49 -14.54 -3.38
N GLU B 195 -12.55 -14.28 -4.14
CA GLU B 195 -13.72 -15.14 -4.10
C GLU B 195 -13.38 -16.54 -4.58
N THR B 196 -12.55 -16.62 -5.61
CA THR B 196 -12.06 -17.90 -6.11
C THR B 196 -11.30 -18.66 -5.03
N ILE B 197 -10.29 -18.00 -4.46
CA ILE B 197 -9.48 -18.58 -3.39
C ILE B 197 -10.36 -19.07 -2.25
N SER B 198 -11.25 -18.19 -1.79
CA SER B 198 -12.20 -18.52 -0.73
C SER B 198 -12.99 -19.77 -1.09
N GLY B 199 -13.57 -19.78 -2.28
CA GLY B 199 -14.31 -20.92 -2.77
C GLY B 199 -13.51 -22.20 -2.72
N ILE B 200 -12.33 -22.18 -3.33
CA ILE B 200 -11.47 -23.37 -3.37
C ILE B 200 -11.14 -23.86 -1.96
N LEU B 201 -10.64 -22.96 -1.11
CA LEU B 201 -10.26 -23.33 0.24
C LEU B 201 -11.44 -23.89 1.02
N ASN B 202 -12.61 -23.27 0.87
CA ASN B 202 -13.82 -23.75 1.52
C ASN B 202 -14.26 -25.11 0.99
N GLU B 203 -14.12 -25.30 -0.32
CA GLU B 203 -14.47 -26.57 -0.94
C GLU B 203 -13.54 -27.69 -0.47
N LYS B 204 -12.25 -27.39 -0.41
CA LYS B 204 -11.24 -28.40 -0.11
C LYS B 204 -11.18 -28.80 1.37
N ASN B 205 -11.52 -27.89 2.26
CA ASN B 205 -11.37 -28.12 3.69
C ASN B 205 -12.08 -29.39 4.15
N SER B 206 -11.46 -30.09 5.10
CA SER B 206 -11.92 -31.42 5.52
C SER B 206 -13.05 -31.36 6.54
N LYS B 207 -12.94 -30.47 7.51
CA LYS B 207 -13.93 -30.37 8.58
C LYS B 207 -15.29 -29.90 8.05
N SER B 208 -15.30 -28.74 7.38
CA SER B 208 -16.53 -28.20 6.80
C SER B 208 -16.22 -27.03 5.88
N ALA B 209 -17.22 -26.64 5.09
CA ALA B 209 -17.05 -25.53 4.14
C ALA B 209 -17.15 -24.17 4.82
N ASP B 210 -17.50 -24.18 6.11
CA ASP B 210 -17.61 -22.95 6.89
C ASP B 210 -16.59 -22.93 8.02
N ASN B 211 -15.60 -23.81 7.93
CA ASN B 211 -14.59 -23.95 8.97
C ASN B 211 -13.69 -22.72 9.08
N ILE B 212 -13.18 -22.27 7.93
CA ILE B 212 -12.17 -21.23 7.90
C ILE B 212 -12.68 -19.91 8.51
N LYS B 213 -11.83 -19.30 9.33
CA LYS B 213 -12.08 -17.99 9.91
C LYS B 213 -11.39 -16.92 9.05
N THR B 214 -12.13 -15.86 8.71
CA THR B 214 -11.61 -14.81 7.85
C THR B 214 -11.29 -13.55 8.64
N LEU B 215 -10.08 -13.02 8.44
CA LEU B 215 -9.64 -11.80 9.12
C LEU B 215 -9.35 -10.70 8.09
N LEU B 216 -10.01 -9.55 8.25
CA LEU B 216 -9.82 -8.41 7.34
C LEU B 216 -9.15 -7.25 8.07
N PHE B 217 -8.01 -6.80 7.55
CA PHE B 217 -7.27 -5.69 8.14
C PHE B 217 -7.00 -4.59 7.12
N SER B 218 -7.16 -3.35 7.56
CA SER B 218 -6.82 -2.18 6.75
C SER B 218 -6.94 -0.91 7.58
N ALA B 219 -6.20 0.11 7.20
CA ALA B 219 -6.31 1.42 7.83
C ALA B 219 -7.54 2.15 7.32
N THR B 220 -8.08 1.70 6.19
CA THR B 220 -9.22 2.33 5.56
C THR B 220 -10.29 1.32 5.18
N LEU B 221 -11.36 1.25 5.98
CA LEU B 221 -12.53 0.47 5.63
C LEU B 221 -13.73 0.90 6.47
N ASP B 222 -14.92 0.53 6.02
CA ASP B 222 -16.16 0.88 6.67
C ASP B 222 -17.03 -0.37 6.82
N ASP B 223 -18.35 -0.22 6.70
CA ASP B 223 -19.24 -1.38 6.65
C ASP B 223 -19.38 -1.86 5.22
N LYS B 224 -19.20 -0.93 4.28
CA LYS B 224 -19.38 -1.21 2.86
C LYS B 224 -18.47 -2.33 2.36
N VAL B 225 -17.45 -2.69 3.14
CA VAL B 225 -16.60 -3.82 2.80
C VAL B 225 -17.33 -5.13 3.10
N GLN B 226 -18.08 -5.14 4.21
CA GLN B 226 -18.76 -6.36 4.63
C GLN B 226 -19.77 -6.79 3.57
N LYS B 227 -20.31 -5.82 2.86
CA LYS B 227 -21.18 -6.10 1.72
C LYS B 227 -20.36 -6.70 0.59
N LEU B 228 -19.09 -6.30 0.50
CA LEU B 228 -18.21 -6.77 -0.56
C LEU B 228 -17.50 -8.04 -0.12
N ALA B 229 -17.45 -8.27 1.20
CA ALA B 229 -16.78 -9.43 1.75
C ALA B 229 -17.74 -10.59 1.99
N ASN B 230 -19.04 -10.32 1.83
CA ASN B 230 -20.08 -11.30 2.13
C ASN B 230 -19.82 -12.68 1.55
N ASN B 231 -19.29 -12.72 0.33
CA ASN B 231 -19.08 -13.98 -0.37
C ASN B 231 -17.88 -14.77 0.13
N ILE B 232 -16.96 -14.11 0.83
CA ILE B 232 -15.76 -14.77 1.35
C ILE B 232 -15.84 -15.02 2.86
N MET B 233 -16.85 -14.44 3.50
CA MET B 233 -17.11 -14.69 4.92
C MET B 233 -17.91 -15.96 5.07
N ASN B 234 -17.59 -16.75 6.10
CA ASN B 234 -18.25 -18.03 6.35
C ASN B 234 -19.15 -18.01 7.58
N LYS B 235 -18.66 -17.39 8.65
CA LYS B 235 -19.31 -17.47 9.95
C LYS B 235 -20.61 -16.66 9.99
N LYS B 236 -21.41 -16.90 11.02
CA LYS B 236 -22.76 -16.34 11.11
C LYS B 236 -22.78 -14.89 11.58
N GLU B 237 -21.75 -14.50 12.33
CA GLU B 237 -21.64 -13.12 12.79
C GLU B 237 -20.21 -12.61 12.65
N CYS B 238 -20.07 -11.31 12.44
CA CYS B 238 -18.77 -10.70 12.20
C CYS B 238 -18.40 -9.72 13.31
N LEU B 239 -17.15 -9.80 13.75
CA LEU B 239 -16.66 -8.96 14.83
C LEU B 239 -15.91 -7.75 14.26
N PHE B 240 -16.54 -6.58 14.35
CA PHE B 240 -15.92 -5.34 13.88
C PHE B 240 -15.20 -4.67 15.04
N LEU B 241 -13.88 -4.61 14.94
CA LEU B 241 -13.04 -3.98 15.95
C LEU B 241 -12.46 -2.68 15.39
N ASP B 242 -12.76 -1.57 16.05
CA ASP B 242 -12.39 -0.26 15.54
C ASP B 242 -11.63 0.55 16.59
N THR B 243 -10.36 0.84 16.29
CA THR B 243 -9.53 1.68 17.14
C THR B 243 -9.62 3.14 16.73
N VAL B 244 -10.69 3.48 16.02
CA VAL B 244 -10.93 4.84 15.54
C VAL B 244 -12.39 5.22 15.74
N ASP B 245 -12.64 6.42 16.23
CA ASP B 245 -14.00 6.92 16.39
C ASP B 245 -14.65 7.04 15.01
N LYS B 246 -15.97 6.87 14.96
CA LYS B 246 -16.69 6.89 13.70
C LYS B 246 -16.46 8.20 12.93
N ASN B 247 -16.54 9.32 13.66
CA ASN B 247 -16.36 10.63 13.04
C ASN B 247 -14.89 10.96 12.79
N GLU B 248 -14.02 10.43 13.63
CA GLU B 248 -12.59 10.69 13.54
C GLU B 248 -12.03 10.31 12.17
N PRO B 249 -11.12 11.15 11.63
CA PRO B 249 -10.55 10.83 10.31
C PRO B 249 -9.57 9.65 10.37
N GLU B 250 -9.50 8.88 9.29
CA GLU B 250 -8.65 7.69 9.24
C GLU B 250 -7.17 8.04 9.16
N ALA B 251 -6.87 9.24 8.68
CA ALA B 251 -5.48 9.70 8.59
C ALA B 251 -4.86 9.80 9.98
N HIS B 252 -3.56 9.55 10.06
CA HIS B 252 -2.87 9.56 11.35
C HIS B 252 -2.66 10.98 11.81
N GLU B 253 -2.96 11.22 13.09
CA GLU B 253 -2.93 12.56 13.67
C GLU B 253 -1.53 13.16 13.75
N ARG B 254 -0.53 12.30 13.93
CA ARG B 254 0.84 12.78 14.14
C ARG B 254 1.49 13.24 12.84
N ILE B 255 0.85 12.96 11.71
CA ILE B 255 1.37 13.39 10.41
C ILE B 255 1.10 14.88 10.22
N ASP B 256 2.17 15.62 9.93
CA ASP B 256 2.07 17.05 9.66
C ASP B 256 1.81 17.27 8.17
N GLN B 257 0.54 17.45 7.81
CA GLN B 257 0.15 17.52 6.41
C GLN B 257 0.17 18.93 5.84
N SER B 258 0.61 19.07 4.60
CA SER B 258 0.53 20.32 3.87
C SER B 258 0.34 20.03 2.38
N VAL B 259 -0.08 21.05 1.62
CA VAL B 259 -0.31 20.91 0.19
C VAL B 259 0.14 22.17 -0.54
N VAL B 260 0.99 21.99 -1.54
CA VAL B 260 1.48 23.09 -2.37
C VAL B 260 0.71 23.12 -3.69
N ILE B 261 0.09 24.26 -3.97
CA ILE B 261 -0.76 24.42 -5.14
C ILE B 261 -0.07 25.29 -6.18
N SER B 262 -0.08 24.83 -7.43
CA SER B 262 0.51 25.58 -8.54
C SER B 262 -0.53 25.94 -9.60
N GLU B 263 -0.12 26.77 -10.55
CA GLU B 263 -0.99 27.13 -11.67
C GLU B 263 -1.07 25.97 -12.65
N LYS B 264 0.06 25.32 -12.88
CA LYS B 264 0.13 24.20 -13.80
C LYS B 264 0.58 22.93 -13.09
N PHE B 265 0.27 21.78 -13.69
CA PHE B 265 0.66 20.50 -13.10
C PHE B 265 2.17 20.33 -13.16
N ALA B 266 2.79 20.80 -14.24
CA ALA B 266 4.23 20.68 -14.40
C ALA B 266 4.97 21.41 -13.29
N ASN B 267 4.43 22.55 -12.87
CA ASN B 267 5.04 23.36 -11.82
C ASN B 267 5.34 22.54 -10.56
N SER B 268 4.44 21.62 -10.24
CA SER B 268 4.61 20.76 -9.08
C SER B 268 5.97 20.04 -9.12
N ILE B 269 6.49 19.82 -10.31
CA ILE B 269 7.82 19.23 -10.45
C ILE B 269 8.85 20.21 -9.89
N PHE B 270 8.66 21.49 -10.16
CA PHE B 270 9.59 22.51 -9.71
C PHE B 270 9.47 22.71 -8.20
N ALA B 271 8.24 22.65 -7.70
CA ALA B 271 7.97 22.81 -6.28
C ALA B 271 8.65 21.71 -5.47
N ALA B 272 8.51 20.48 -5.93
CA ALA B 272 9.07 19.32 -5.25
C ALA B 272 10.59 19.43 -5.16
N VAL B 273 11.23 19.79 -6.27
CA VAL B 273 12.68 19.93 -6.30
C VAL B 273 13.13 21.02 -5.33
N GLU B 274 12.46 22.17 -5.35
CA GLU B 274 12.81 23.26 -4.45
C GLU B 274 12.60 22.85 -2.99
N HIS B 275 11.55 22.08 -2.74
CA HIS B 275 11.28 21.60 -1.38
C HIS B 275 12.38 20.67 -0.90
N ILE B 276 12.67 19.65 -1.71
CA ILE B 276 13.72 18.69 -1.39
C ILE B 276 15.06 19.40 -1.19
N LYS B 277 15.36 20.35 -2.08
CA LYS B 277 16.60 21.11 -2.00
C LYS B 277 16.69 21.82 -0.64
N LYS B 278 15.57 22.39 -0.21
CA LYS B 278 15.51 23.08 1.06
C LYS B 278 15.79 22.12 2.22
N GLN B 279 15.22 20.92 2.13
CA GLN B 279 15.35 19.93 3.19
C GLN B 279 16.79 19.43 3.34
N ILE B 280 17.42 19.10 2.23
CA ILE B 280 18.80 18.61 2.24
C ILE B 280 19.73 19.60 2.93
N LYS B 281 19.55 20.89 2.64
CA LYS B 281 20.37 21.93 3.25
C LYS B 281 20.07 22.06 4.74
N GLU B 282 18.78 22.09 5.09
CA GLU B 282 18.37 22.28 6.48
C GLU B 282 18.62 21.04 7.33
N ARG B 283 18.67 19.88 6.69
CA ARG B 283 18.87 18.62 7.42
C ARG B 283 20.29 18.08 7.22
N ASP B 284 21.09 18.79 6.44
CA ASP B 284 22.49 18.41 6.21
C ASP B 284 22.59 17.00 5.64
N SER B 285 21.83 16.76 4.57
CA SER B 285 21.79 15.46 3.90
C SER B 285 21.27 14.32 4.78
N ASN B 286 20.80 14.65 5.98
CA ASN B 286 20.15 13.66 6.84
C ASN B 286 18.67 13.63 6.51
N TYR B 287 18.35 13.13 5.32
CA TYR B 287 17.00 13.20 4.79
C TYR B 287 16.56 11.88 4.16
N LYS B 288 15.50 11.30 4.72
CA LYS B 288 14.90 10.09 4.18
C LYS B 288 13.47 10.41 3.77
N ALA B 289 13.17 10.24 2.48
CA ALA B 289 11.85 10.63 1.97
C ALA B 289 11.32 9.66 0.91
N ILE B 290 9.99 9.64 0.80
CA ILE B 290 9.30 8.89 -0.25
C ILE B 290 8.49 9.88 -1.09
N ILE B 291 8.64 9.78 -2.41
CA ILE B 291 7.86 10.62 -3.32
C ILE B 291 7.07 9.77 -4.31
N PHE B 292 5.76 10.02 -4.34
CA PHE B 292 4.83 9.25 -5.15
C PHE B 292 4.54 9.94 -6.48
N ALA B 293 4.24 9.16 -7.51
CA ALA B 293 3.89 9.69 -8.83
C ALA B 293 2.74 8.88 -9.43
N PRO B 294 1.99 9.47 -10.36
CA PRO B 294 0.82 8.79 -10.91
C PRO B 294 1.15 7.55 -11.75
N THR B 295 2.15 7.63 -12.61
CA THR B 295 2.44 6.57 -13.56
C THR B 295 3.88 6.07 -13.48
N VAL B 296 4.12 4.91 -14.08
CA VAL B 296 5.45 4.33 -14.16
C VAL B 296 6.40 5.26 -14.91
N LYS B 297 5.94 5.77 -16.04
CA LYS B 297 6.77 6.63 -16.88
C LYS B 297 7.09 7.95 -16.19
N PHE B 298 6.11 8.54 -15.50
CA PHE B 298 6.35 9.79 -14.80
C PHE B 298 7.26 9.54 -13.60
N THR B 299 7.15 8.36 -13.01
CA THR B 299 8.04 7.96 -11.93
C THR B 299 9.47 7.87 -12.44
N SER B 300 9.67 7.07 -13.47
CA SER B 300 10.97 6.91 -14.09
C SER B 300 11.54 8.25 -14.55
N PHE B 301 10.68 9.09 -15.10
CA PHE B 301 11.08 10.41 -15.58
C PHE B 301 11.46 11.33 -14.42
N LEU B 302 10.67 11.30 -13.36
CA LEU B 302 10.94 12.09 -12.17
C LEU B 302 12.24 11.63 -11.52
N CYS B 303 12.49 10.33 -11.63
CA CYS B 303 13.72 9.75 -11.12
C CYS B 303 14.95 10.33 -11.83
N SER B 304 14.84 10.54 -13.14
CA SER B 304 15.94 11.14 -13.90
C SER B 304 16.25 12.52 -13.38
N ILE B 305 15.21 13.34 -13.22
CA ILE B 305 15.36 14.68 -12.71
C ILE B 305 16.01 14.65 -11.33
N LEU B 306 15.40 13.91 -10.40
CA LEU B 306 15.91 13.86 -9.03
C LEU B 306 17.33 13.33 -8.98
N LYS B 307 17.65 12.36 -9.84
CA LYS B 307 19.01 11.85 -9.94
C LYS B 307 19.94 12.98 -10.37
N ASN B 308 19.62 13.63 -11.48
CA ASN B 308 20.42 14.74 -11.95
C ASN B 308 20.47 15.89 -10.95
N GLU B 309 19.42 16.02 -10.14
CA GLU B 309 19.31 17.16 -9.22
C GLU B 309 19.74 16.88 -7.78
N PHE B 310 19.86 15.62 -7.39
CA PHE B 310 20.15 15.30 -5.99
C PHE B 310 21.05 14.08 -5.74
N LYS B 311 21.71 13.55 -6.76
CA LYS B 311 22.56 12.38 -6.54
C LYS B 311 23.88 12.76 -5.86
N LYS B 312 24.19 14.05 -5.80
CA LYS B 312 25.40 14.49 -5.10
C LYS B 312 25.20 14.30 -3.62
N ASP B 313 23.94 14.42 -3.20
CA ASP B 313 23.59 14.55 -1.79
C ASP B 313 22.99 13.28 -1.22
N LEU B 314 22.19 12.59 -2.04
CA LEU B 314 21.48 11.40 -1.58
C LEU B 314 21.39 10.32 -2.65
N PRO B 315 21.04 9.10 -2.25
CA PRO B 315 20.69 8.04 -3.22
C PRO B 315 19.24 8.15 -3.68
N ILE B 316 19.01 7.99 -4.98
CA ILE B 316 17.67 8.01 -5.54
C ILE B 316 17.29 6.62 -6.01
N LEU B 317 16.27 6.05 -5.40
CA LEU B 317 15.84 4.69 -5.70
C LEU B 317 14.53 4.68 -6.49
N GLU B 318 14.58 4.15 -7.71
CA GLU B 318 13.39 4.01 -8.54
C GLU B 318 12.65 2.72 -8.18
N PHE B 319 11.35 2.83 -7.93
CA PHE B 319 10.57 1.71 -7.40
C PHE B 319 9.17 1.66 -8.00
N HIS B 320 8.96 0.71 -8.91
CA HIS B 320 7.63 0.51 -9.51
C HIS B 320 7.49 -0.90 -10.07
N GLY B 321 6.29 -1.20 -10.56
CA GLY B 321 5.94 -2.55 -10.96
C GLY B 321 6.74 -3.14 -12.10
N LYS B 322 7.36 -2.28 -12.90
CA LYS B 322 8.14 -2.75 -14.05
C LYS B 322 9.58 -3.07 -13.66
N ILE B 323 9.91 -2.86 -12.39
CA ILE B 323 11.19 -3.31 -11.85
C ILE B 323 11.10 -4.80 -11.56
N THR B 324 12.18 -5.53 -11.86
CA THR B 324 12.21 -6.95 -11.57
C THR B 324 12.11 -7.17 -10.05
N GLN B 325 11.68 -8.36 -9.65
CA GLN B 325 11.38 -8.60 -8.24
C GLN B 325 12.64 -8.60 -7.39
N ASN B 326 13.77 -9.02 -7.96
CA ASN B 326 15.04 -8.97 -7.27
C ASN B 326 15.43 -7.53 -6.92
N LYS B 327 15.39 -6.67 -7.93
CA LYS B 327 15.73 -5.26 -7.75
C LYS B 327 14.79 -4.62 -6.73
N ARG B 328 13.50 -4.96 -6.83
CA ARG B 328 12.51 -4.47 -5.89
C ARG B 328 12.86 -4.89 -4.46
N THR B 329 13.05 -6.19 -4.25
CA THR B 329 13.39 -6.70 -2.93
C THR B 329 14.64 -6.01 -2.39
N SER B 330 15.70 -6.01 -3.20
CA SER B 330 16.98 -5.43 -2.78
C SER B 330 16.86 -3.95 -2.44
N LEU B 331 16.21 -3.17 -3.31
CA LEU B 331 16.09 -1.73 -3.05
C LEU B 331 15.20 -1.50 -1.84
N VAL B 332 14.18 -2.33 -1.67
CA VAL B 332 13.33 -2.24 -0.48
C VAL B 332 14.18 -2.46 0.77
N LYS B 333 14.99 -3.52 0.75
CA LYS B 333 15.90 -3.79 1.86
C LYS B 333 16.82 -2.60 2.11
N ARG B 334 17.41 -2.07 1.04
CA ARG B 334 18.33 -0.95 1.17
C ARG B 334 17.63 0.26 1.79
N PHE B 335 16.44 0.58 1.31
CA PHE B 335 15.73 1.74 1.81
C PHE B 335 15.27 1.49 3.25
N LYS B 336 14.98 0.24 3.57
CA LYS B 336 14.68 -0.14 4.95
C LYS B 336 15.89 0.08 5.85
N LYS B 337 17.06 -0.32 5.37
CA LYS B 337 18.29 -0.18 6.16
C LYS B 337 18.84 1.26 6.17
N ASP B 338 18.96 1.86 4.98
CA ASP B 338 19.61 3.17 4.85
C ASP B 338 19.02 4.24 5.76
N GLU B 339 19.89 5.14 6.21
CA GLU B 339 19.51 6.20 7.13
C GLU B 339 18.89 7.38 6.39
N SER B 340 19.25 7.53 5.12
CA SER B 340 18.81 8.65 4.31
C SER B 340 18.58 8.21 2.86
N GLY B 341 17.95 9.07 2.08
CA GLY B 341 17.73 8.79 0.67
C GLY B 341 16.31 9.12 0.23
N ILE B 342 16.10 9.06 -1.08
CA ILE B 342 14.80 9.36 -1.66
C ILE B 342 14.27 8.15 -2.43
N LEU B 343 13.07 7.71 -2.08
CA LEU B 343 12.40 6.62 -2.77
C LEU B 343 11.33 7.19 -3.70
N VAL B 344 11.58 7.12 -5.00
CA VAL B 344 10.61 7.57 -5.99
C VAL B 344 9.79 6.37 -6.45
N CYS B 345 8.48 6.42 -6.22
CA CYS B 345 7.66 5.24 -6.51
C CYS B 345 6.22 5.50 -6.93
N THR B 346 5.61 4.47 -7.51
CA THR B 346 4.19 4.47 -7.82
C THR B 346 3.42 4.07 -6.56
N ASP B 347 2.20 3.56 -6.72
CA ASP B 347 1.40 3.15 -5.58
C ASP B 347 1.71 1.71 -5.15
N VAL B 348 2.77 1.14 -5.71
CA VAL B 348 3.22 -0.17 -5.28
C VAL B 348 3.71 -0.10 -3.84
N GLY B 349 4.24 1.05 -3.46
CA GLY B 349 4.76 1.27 -2.12
C GLY B 349 3.83 2.12 -1.27
N ALA B 350 2.59 2.24 -1.72
CA ALA B 350 1.60 3.06 -1.03
C ALA B 350 1.06 2.37 0.22
N ARG B 351 0.86 1.06 0.13
CA ARG B 351 0.18 0.31 1.18
C ARG B 351 1.10 -0.65 1.95
N GLY B 352 1.07 -0.53 3.27
CA GLY B 352 1.64 -1.55 4.14
C GLY B 352 3.15 -1.55 4.31
N MET B 353 3.88 -1.11 3.29
CA MET B 353 5.34 -1.16 3.34
C MET B 353 5.87 -0.30 4.48
N ASP B 354 6.65 -0.93 5.35
CA ASP B 354 7.16 -0.29 6.56
C ASP B 354 8.64 0.08 6.41
N PHE B 355 8.90 1.33 6.06
CA PHE B 355 10.26 1.86 6.01
C PHE B 355 10.51 2.69 7.27
N PRO B 356 11.38 2.21 8.17
CA PRO B 356 11.57 2.94 9.42
C PRO B 356 12.16 4.34 9.23
N ASN B 357 11.71 5.29 10.03
CA ASN B 357 12.34 6.61 10.10
C ASN B 357 12.33 7.37 8.79
N VAL B 358 11.17 7.45 8.15
CA VAL B 358 10.99 8.28 6.96
C VAL B 358 10.53 9.66 7.41
N HIS B 359 11.31 10.69 7.06
CA HIS B 359 11.02 12.04 7.50
C HIS B 359 9.79 12.62 6.82
N GLU B 360 9.76 12.54 5.49
CA GLU B 360 8.72 13.19 4.70
C GLU B 360 8.14 12.26 3.62
N VAL B 361 6.84 12.42 3.38
CA VAL B 361 6.15 11.75 2.29
C VAL B 361 5.62 12.78 1.31
N LEU B 362 6.30 12.89 0.16
CA LEU B 362 5.91 13.85 -0.87
C LEU B 362 5.00 13.17 -1.89
N GLN B 363 4.19 13.97 -2.57
CA GLN B 363 3.32 13.45 -3.62
C GLN B 363 3.17 14.45 -4.75
N ILE B 364 3.65 14.07 -5.94
CA ILE B 364 3.37 14.83 -7.15
C ILE B 364 2.17 14.19 -7.83
N GLY B 365 1.11 14.96 -7.98
CA GLY B 365 -0.13 14.46 -8.54
C GLY B 365 -0.99 13.84 -7.47
N VAL B 366 -1.94 13.00 -7.88
CA VAL B 366 -2.89 12.39 -6.96
C VAL B 366 -2.77 10.86 -6.98
N PRO B 367 -3.21 10.21 -5.90
CA PRO B 367 -3.14 8.74 -5.84
C PRO B 367 -4.10 8.06 -6.82
N SER B 368 -3.98 6.74 -6.94
CA SER B 368 -4.83 5.97 -7.84
C SER B 368 -6.25 5.87 -7.29
N GLU B 369 -6.38 6.02 -5.98
CA GLU B 369 -7.68 6.03 -5.34
C GLU B 369 -7.62 6.94 -4.11
N LEU B 370 -8.78 7.49 -3.72
CA LEU B 370 -8.84 8.42 -2.61
C LEU B 370 -8.20 7.85 -1.35
N ALA B 371 -8.61 6.65 -0.97
CA ALA B 371 -8.12 6.00 0.24
C ALA B 371 -6.59 5.97 0.27
N ASN B 372 -5.99 5.70 -0.87
CA ASN B 372 -4.54 5.60 -0.96
C ASN B 372 -3.82 6.90 -0.62
N TYR B 373 -4.56 7.98 -0.44
CA TYR B 373 -3.96 9.19 0.10
C TYR B 373 -3.57 8.93 1.55
N ILE B 374 -4.46 8.25 2.27
CA ILE B 374 -4.23 7.96 3.68
C ILE B 374 -3.02 7.05 3.83
N HIS B 375 -2.98 6.02 3.01
CA HIS B 375 -1.90 5.04 3.08
C HIS B 375 -0.57 5.67 2.69
N ARG B 376 -0.56 6.44 1.60
CA ARG B 376 0.63 7.13 1.15
C ARG B 376 1.33 7.86 2.29
N ILE B 377 0.68 8.88 2.82
CA ILE B 377 1.23 9.64 3.94
C ILE B 377 1.42 8.73 5.17
N GLY B 378 0.91 7.50 5.09
CA GLY B 378 1.05 6.56 6.17
C GLY B 378 2.44 5.95 6.19
N ARG B 379 3.20 6.12 5.12
CA ARG B 379 4.54 5.55 5.07
C ARG B 379 5.47 6.25 6.05
N THR B 380 5.03 7.38 6.60
CA THR B 380 5.77 8.08 7.63
C THR B 380 4.97 8.12 8.93
N ALA B 381 5.58 8.67 9.97
CA ALA B 381 4.97 8.73 11.29
C ALA B 381 4.58 7.34 11.80
N ARG B 382 5.32 6.33 11.38
CA ARG B 382 5.05 4.95 11.78
C ARG B 382 5.77 4.58 13.07
N SER B 383 5.12 3.76 13.88
CA SER B 383 5.72 3.19 15.08
C SER B 383 6.07 4.24 16.13
N GLY B 384 5.24 5.29 16.22
CA GLY B 384 5.40 6.29 17.25
C GLY B 384 6.31 7.44 16.89
N LYS B 385 6.92 7.39 15.70
CA LYS B 385 7.79 8.46 15.24
C LYS B 385 6.96 9.62 14.68
N GLU B 386 7.56 10.80 14.63
CA GLU B 386 6.92 11.96 14.01
C GLU B 386 7.07 11.88 12.50
N GLY B 387 6.34 12.73 11.78
CA GLY B 387 6.41 12.72 10.32
C GLY B 387 5.65 13.87 9.67
N SER B 388 6.11 14.25 8.48
CA SER B 388 5.49 15.32 7.70
C SER B 388 5.09 14.83 6.32
N SER B 389 4.12 15.52 5.72
CA SER B 389 3.59 15.14 4.41
C SER B 389 3.27 16.38 3.58
N VAL B 390 3.73 16.38 2.33
CA VAL B 390 3.48 17.48 1.40
C VAL B 390 2.81 16.96 0.13
N LEU B 391 1.71 17.60 -0.25
CA LEU B 391 1.01 17.27 -1.48
C LEU B 391 1.20 18.35 -2.56
N PHE B 392 1.89 18.00 -3.63
CA PHE B 392 2.14 18.93 -4.72
C PHE B 392 1.10 18.77 -5.83
N ILE B 393 0.29 19.80 -6.03
CA ILE B 393 -0.75 19.76 -7.06
C ILE B 393 -0.94 21.12 -7.73
N CYS B 394 -1.84 21.16 -8.71
CA CYS B 394 -2.25 22.41 -9.33
C CYS B 394 -3.73 22.62 -9.10
N LYS B 395 -4.22 23.81 -9.42
CA LYS B 395 -5.60 24.19 -9.12
C LYS B 395 -6.62 23.22 -9.73
N ASP B 396 -6.35 22.77 -10.94
CA ASP B 396 -7.28 21.87 -11.63
C ASP B 396 -7.45 20.54 -10.91
N GLU B 397 -6.57 20.26 -9.94
CA GLU B 397 -6.66 19.04 -9.16
C GLU B 397 -7.31 19.29 -7.79
N LEU B 398 -7.63 20.54 -7.49
CA LEU B 398 -8.18 20.89 -6.18
C LEU B 398 -9.50 20.20 -5.82
N PRO B 399 -10.30 19.81 -6.84
CA PRO B 399 -11.50 19.05 -6.47
C PRO B 399 -11.19 17.75 -5.74
N PHE B 400 -9.94 17.30 -5.82
CA PHE B 400 -9.50 16.11 -5.08
C PHE B 400 -9.36 16.43 -3.59
N VAL B 401 -8.75 17.57 -3.28
CA VAL B 401 -8.57 18.00 -1.90
C VAL B 401 -9.93 18.20 -1.23
N ARG B 402 -10.91 18.64 -2.02
CA ARG B 402 -12.26 18.80 -1.53
C ARG B 402 -12.85 17.44 -1.19
N GLU B 403 -12.73 16.50 -2.13
CA GLU B 403 -13.26 15.16 -1.95
C GLU B 403 -12.60 14.45 -0.77
N LEU B 404 -11.39 14.89 -0.41
CA LEU B 404 -10.72 14.37 0.79
C LEU B 404 -11.46 14.82 2.04
N GLU B 405 -12.11 15.98 1.96
CA GLU B 405 -12.84 16.51 3.11
C GLU B 405 -14.24 15.90 3.18
N ASP B 406 -14.87 15.74 2.02
CA ASP B 406 -16.23 15.21 1.95
C ASP B 406 -16.32 13.76 2.39
N ALA B 407 -15.49 12.91 1.81
CA ALA B 407 -15.59 11.47 2.03
C ALA B 407 -14.88 11.00 3.29
N LYS B 408 -13.68 11.53 3.53
CA LYS B 408 -12.82 11.00 4.59
C LYS B 408 -12.59 11.96 5.75
N ASN B 409 -13.24 13.12 5.72
CA ASN B 409 -13.17 14.07 6.83
C ASN B 409 -11.73 14.57 7.06
N ILE B 410 -10.95 14.58 5.99
CA ILE B 410 -9.53 14.97 6.08
C ILE B 410 -9.33 16.41 5.61
N VAL B 411 -8.80 17.24 6.51
CA VAL B 411 -8.55 18.65 6.23
C VAL B 411 -7.07 18.99 6.39
N ILE B 412 -6.46 19.49 5.32
CA ILE B 412 -5.09 19.95 5.37
C ILE B 412 -5.06 21.45 5.68
N ALA B 413 -4.74 21.77 6.92
CA ALA B 413 -4.75 23.16 7.37
C ALA B 413 -3.71 24.00 6.63
N LYS B 414 -2.57 23.38 6.33
CA LYS B 414 -1.45 24.10 5.73
C LYS B 414 -1.52 24.10 4.20
N GLN B 415 -2.00 25.21 3.65
CA GLN B 415 -2.05 25.40 2.21
C GLN B 415 -1.24 26.63 1.82
N GLU B 416 -0.66 26.59 0.63
CA GLU B 416 0.05 27.75 0.09
C GLU B 416 0.19 27.60 -1.42
N LYS B 417 0.33 28.73 -2.11
CA LYS B 417 0.47 28.74 -3.55
C LYS B 417 1.94 28.57 -3.94
N TYR B 418 2.18 28.41 -5.24
CA TYR B 418 3.55 28.29 -5.74
C TYR B 418 3.64 28.68 -7.21
N GLU B 419 4.63 29.51 -7.52
CA GLU B 419 4.95 29.87 -8.89
C GLU B 419 6.47 29.80 -9.05
N PRO B 420 6.96 29.05 -10.06
CA PRO B 420 8.40 28.84 -10.18
C PRO B 420 9.18 30.04 -10.71
N SER B 421 10.38 30.22 -10.20
CA SER B 421 11.32 31.20 -10.77
C SER B 421 11.78 30.70 -12.13
N GLU B 422 12.39 31.59 -12.93
CA GLU B 422 12.92 31.18 -14.21
C GLU B 422 14.18 30.33 -13.99
N GLU B 423 14.91 30.66 -12.92
CA GLU B 423 16.14 29.96 -12.58
C GLU B 423 15.89 28.48 -12.38
N ILE B 424 14.99 28.15 -11.47
CA ILE B 424 14.69 26.75 -11.15
C ILE B 424 14.16 26.02 -12.39
N LYS B 425 13.34 26.71 -13.18
CA LYS B 425 12.81 26.12 -14.40
C LYS B 425 13.93 25.79 -15.36
N SER B 426 14.86 26.72 -15.52
CA SER B 426 16.02 26.49 -16.39
C SER B 426 16.84 25.32 -15.88
N GLU B 427 17.10 25.34 -14.58
CA GLU B 427 17.90 24.31 -13.93
C GLU B 427 17.27 22.93 -14.13
N VAL B 428 15.96 22.82 -13.91
CA VAL B 428 15.27 21.55 -14.05
C VAL B 428 15.18 21.12 -15.52
N LEU B 429 14.78 22.03 -16.40
CA LEU B 429 14.68 21.71 -17.82
C LEU B 429 16.04 21.31 -18.37
N GLU B 430 17.10 21.87 -17.79
CA GLU B 430 18.46 21.46 -18.13
C GLU B 430 18.73 20.03 -17.70
N ALA B 431 18.08 19.60 -16.62
CA ALA B 431 18.27 18.26 -16.09
C ALA B 431 17.51 17.20 -16.90
N VAL B 432 16.70 17.64 -17.85
CA VAL B 432 15.94 16.73 -18.70
C VAL B 432 16.75 16.39 -19.95
N THR B 433 17.03 15.10 -20.14
CA THR B 433 17.76 14.61 -21.29
C THR B 433 16.87 13.77 -22.20
N GLU B 434 15.62 13.58 -21.80
CA GLU B 434 14.68 12.75 -22.55
C GLU B 434 14.34 13.38 -23.90
N GLU B 435 14.26 12.54 -24.93
CA GLU B 435 13.85 12.97 -26.26
C GLU B 435 12.37 13.37 -26.23
N PRO B 436 11.92 14.17 -27.21
CA PRO B 436 10.51 14.57 -27.26
C PRO B 436 9.56 13.37 -27.33
N GLU B 437 9.96 12.35 -28.09
CA GLU B 437 9.15 11.15 -28.26
C GLU B 437 8.86 10.48 -26.91
N ASP B 438 9.83 10.52 -26.00
CA ASP B 438 9.66 9.95 -24.68
C ASP B 438 8.77 10.83 -23.80
N ILE B 439 9.01 12.14 -23.85
CA ILE B 439 8.18 13.11 -23.14
C ILE B 439 6.72 12.91 -23.51
N SER B 440 6.49 12.73 -24.81
CA SER B 440 5.15 12.47 -25.33
C SER B 440 4.49 11.33 -24.56
N ASP B 441 5.16 10.18 -24.53
CA ASP B 441 4.65 9.01 -23.81
C ASP B 441 4.42 9.33 -22.34
N ILE B 442 5.41 9.98 -21.73
CA ILE B 442 5.33 10.34 -20.31
C ILE B 442 4.08 11.16 -20.00
N VAL B 443 3.79 12.16 -20.83
CA VAL B 443 2.60 12.98 -20.60
C VAL B 443 1.31 12.23 -20.97
N ILE B 444 1.37 11.46 -22.05
CA ILE B 444 0.21 10.67 -22.48
C ILE B 444 -0.22 9.73 -21.36
N SER B 445 0.76 9.10 -20.72
CA SER B 445 0.46 8.24 -19.57
C SER B 445 -0.28 9.00 -18.48
N LEU B 446 0.12 10.25 -18.24
CA LEU B 446 -0.55 11.08 -17.25
C LEU B 446 -1.97 11.41 -17.70
N ILE B 447 -2.13 11.71 -18.99
CA ILE B 447 -3.47 11.94 -19.54
C ILE B 447 -4.36 10.73 -19.27
N SER B 448 -3.90 9.56 -19.71
CA SER B 448 -4.64 8.32 -19.51
C SER B 448 -4.94 8.07 -18.04
N SER B 449 -3.93 8.24 -17.20
CA SER B 449 -4.09 8.07 -15.77
C SER B 449 -5.17 8.99 -15.20
N TYR B 450 -5.01 10.28 -15.42
CA TYR B 450 -5.93 11.27 -14.87
C TYR B 450 -7.32 11.14 -15.47
N ARG B 451 -7.40 10.65 -16.70
CA ARG B 451 -8.70 10.42 -17.33
C ARG B 451 -9.54 9.43 -16.51
N SER B 452 -8.92 8.33 -16.08
CA SER B 452 -9.63 7.25 -15.42
C SER B 452 -10.26 7.65 -14.09
N CYS B 453 -9.66 8.63 -13.42
CA CYS B 453 -10.12 9.04 -12.09
C CYS B 453 -10.78 10.42 -12.10
N ILE B 454 -11.42 10.78 -13.21
CA ILE B 454 -12.17 12.03 -13.29
C ILE B 454 -13.45 11.91 -12.46
N LYS B 455 -14.22 10.86 -12.74
CA LYS B 455 -15.49 10.63 -12.06
C LYS B 455 -15.30 10.49 -10.55
N GLU B 456 -14.17 9.91 -10.17
CA GLU B 456 -13.88 9.62 -8.77
C GLU B 456 -13.48 10.87 -7.98
N TYR B 457 -12.73 11.76 -8.60
CA TYR B 457 -12.17 12.93 -7.91
C TYR B 457 -12.90 14.22 -8.23
N ARG B 458 -14.02 14.14 -8.94
CA ARG B 458 -14.81 15.31 -9.32
C ARG B 458 -13.99 16.32 -10.12
N PHE B 459 -13.22 15.83 -11.09
CA PHE B 459 -12.45 16.72 -11.97
C PHE B 459 -13.32 17.23 -13.11
N SER B 460 -12.92 18.37 -13.68
CA SER B 460 -13.56 18.93 -14.86
C SER B 460 -12.76 18.51 -16.10
N GLU B 461 -13.25 17.49 -16.79
CA GLU B 461 -12.56 16.89 -17.93
C GLU B 461 -12.07 17.94 -18.93
N ARG B 462 -12.84 19.01 -19.10
CA ARG B 462 -12.48 20.05 -20.06
C ARG B 462 -11.32 20.90 -19.56
N ARG B 463 -11.15 20.97 -18.25
CA ARG B 463 -10.12 21.82 -17.64
C ARG B 463 -8.86 21.03 -17.28
N ILE B 464 -9.03 19.81 -16.78
CA ILE B 464 -7.90 19.08 -16.21
C ILE B 464 -6.98 18.49 -17.27
N LEU B 465 -7.53 17.80 -18.26
CA LEU B 465 -6.71 17.05 -19.20
C LEU B 465 -5.80 17.95 -20.04
N PRO B 466 -6.32 19.09 -20.53
CA PRO B 466 -5.43 19.99 -21.29
C PRO B 466 -4.27 20.50 -20.45
N GLU B 467 -4.52 20.75 -19.17
CA GLU B 467 -3.47 21.16 -18.26
C GLU B 467 -2.41 20.08 -18.15
N ILE B 468 -2.84 18.84 -17.98
CA ILE B 468 -1.91 17.72 -17.94
C ILE B 468 -1.15 17.65 -19.27
N ALA B 469 -1.87 17.90 -20.36
CA ALA B 469 -1.29 17.81 -21.69
C ALA B 469 -0.22 18.88 -21.95
N SER B 470 -0.49 20.11 -21.52
CA SER B 470 0.42 21.23 -21.75
C SER B 470 1.81 20.98 -21.15
N THR B 471 1.87 20.04 -20.22
CA THR B 471 3.14 19.62 -19.62
C THR B 471 4.17 19.35 -20.70
N TYR B 472 3.75 18.69 -21.77
CA TYR B 472 4.60 18.42 -22.93
C TYR B 472 5.29 19.70 -23.41
N GLY B 473 4.47 20.70 -23.72
CA GLY B 473 4.97 21.99 -24.15
C GLY B 473 5.88 22.60 -23.11
N VAL B 474 5.45 22.58 -21.85
CA VAL B 474 6.27 23.15 -20.78
C VAL B 474 7.65 22.52 -20.72
N LEU B 475 7.71 21.19 -20.80
CA LEU B 475 8.98 20.48 -20.74
C LEU B 475 9.81 20.76 -21.98
N LEU B 476 9.19 20.78 -23.15
CA LEU B 476 9.90 21.19 -24.36
C LEU B 476 10.09 22.70 -24.41
N ASN B 477 9.58 23.40 -23.40
CA ASN B 477 9.79 24.84 -23.24
C ASN B 477 9.10 25.67 -24.32
N ASP B 478 8.07 25.09 -24.95
CA ASP B 478 7.25 25.79 -25.93
C ASP B 478 5.78 25.68 -25.51
N PRO B 479 5.34 26.57 -24.60
CA PRO B 479 4.00 26.52 -24.00
C PRO B 479 2.86 26.34 -25.00
N GLN B 480 2.87 27.11 -26.07
CA GLN B 480 1.78 27.09 -27.05
C GLN B 480 1.75 25.78 -27.86
N LEU B 481 2.78 24.97 -27.69
CA LEU B 481 2.91 23.74 -28.47
C LEU B 481 1.97 22.64 -27.96
N LYS B 482 1.50 21.81 -28.89
CA LYS B 482 0.64 20.68 -28.56
C LYS B 482 1.35 19.36 -28.85
N ILE B 483 0.84 18.27 -28.27
CA ILE B 483 1.45 16.96 -28.43
C ILE B 483 1.18 16.41 -29.84
N PRO B 484 2.25 16.08 -30.59
CA PRO B 484 2.05 15.56 -31.95
C PRO B 484 1.69 14.08 -31.99
N VAL B 485 0.56 13.76 -32.60
CA VAL B 485 0.10 12.37 -32.70
C VAL B 485 -0.52 12.09 -34.07
N SER B 486 -0.82 10.82 -34.32
CA SER B 486 -1.51 10.41 -35.55
C SER B 486 -3.02 10.40 -35.31
N ARG B 487 -3.79 10.61 -36.37
CA ARG B 487 -5.23 10.65 -36.27
C ARG B 487 -5.79 9.33 -35.73
N ARG B 488 -5.25 8.22 -36.24
CA ARG B 488 -5.70 6.90 -35.83
C ARG B 488 -5.46 6.69 -34.34
N PHE B 489 -4.32 7.19 -33.85
CA PHE B 489 -3.99 7.10 -32.44
C PHE B 489 -4.97 7.90 -31.60
N LEU B 490 -5.25 9.12 -32.02
CA LEU B 490 -6.22 9.96 -31.31
C LEU B 490 -7.60 9.30 -31.37
N ASP B 491 -7.88 8.63 -32.47
CA ASP B 491 -9.12 7.87 -32.60
C ASP B 491 -9.13 6.69 -31.62
N LYS B 492 -7.97 6.05 -31.45
CA LYS B 492 -7.83 5.00 -30.44
C LYS B 492 -8.08 5.61 -29.07
N LEU B 493 -7.58 6.82 -28.86
CA LEU B 493 -7.84 7.54 -27.61
C LEU B 493 -9.34 7.86 -27.46
N GLY B 494 -10.02 8.05 -28.59
CA GLY B 494 -11.45 8.29 -28.59
C GLY B 494 -11.83 9.75 -28.41
N LEU B 495 -10.83 10.63 -28.45
CA LEU B 495 -11.05 12.06 -28.23
C LEU B 495 -11.06 12.85 -29.53
N SER B 496 -11.24 12.15 -30.65
CA SER B 496 -11.19 12.78 -31.96
C SER B 496 -12.40 13.68 -32.20
N ARG B 497 -13.54 13.30 -31.62
CA ARG B 497 -14.77 14.07 -31.77
C ARG B 497 -15.01 15.00 -30.59
N SER B 498 -13.93 15.34 -29.89
CA SER B 498 -14.00 16.18 -28.69
C SER B 498 -13.23 17.48 -28.89
N PRO B 499 -13.75 18.59 -28.35
CA PRO B 499 -13.01 19.86 -28.42
C PRO B 499 -11.73 19.78 -27.60
N ILE B 500 -11.80 19.01 -26.51
CA ILE B 500 -10.65 18.79 -25.65
C ILE B 500 -9.52 18.15 -26.45
N GLY B 501 -9.77 16.96 -26.97
CA GLY B 501 -8.81 16.25 -27.79
C GLY B 501 -8.16 17.16 -28.82
N LYS B 502 -8.96 18.02 -29.43
CA LYS B 502 -8.46 19.03 -30.36
C LYS B 502 -7.64 20.07 -29.61
N ALA B 503 -8.06 20.40 -28.39
CA ALA B 503 -7.37 21.40 -27.58
C ALA B 503 -6.03 20.91 -27.04
N MET B 504 -5.91 19.60 -26.82
CA MET B 504 -4.67 19.03 -26.25
C MET B 504 -3.70 18.52 -27.31
N PHE B 505 -4.23 17.99 -28.40
CA PHE B 505 -3.40 17.30 -29.40
C PHE B 505 -3.33 18.02 -30.74
N GLU B 506 -2.25 17.73 -31.47
CA GLU B 506 -2.06 18.20 -32.84
C GLU B 506 -1.84 17.00 -33.76
N ILE B 507 -2.76 16.80 -34.71
CA ILE B 507 -2.67 15.65 -35.61
C ILE B 507 -1.58 15.90 -36.65
N ARG B 508 -0.46 15.21 -36.48
CA ARG B 508 0.70 15.38 -37.35
C ARG B 508 1.16 14.04 -37.91
N ASP B 509 0.32 13.47 -38.78
CA ASP B 509 0.63 12.17 -39.40
C ASP B 509 1.65 12.34 -40.52
MG MG C . -0.44 0.22 7.55
BE BEF D . -0.10 -3.16 6.98
F1 BEF D . -0.55 -3.16 5.52
F2 BEF D . -0.30 -4.55 7.65
F3 BEF D . 1.41 -2.84 7.07
PB ADP E . 0.47 -1.48 10.03
O1B ADP E . -0.74 -1.10 10.86
O2B ADP E . 0.39 -2.85 9.39
O3B ADP E . 0.95 -0.40 9.10
PA ADP E . 2.91 -2.58 10.88
O1A ADP E . 2.63 -3.95 11.46
O2A ADP E . 3.34 -2.43 9.44
O3A ADP E . 1.62 -1.64 11.13
O5' ADP E . 4.01 -1.85 11.81
C5' ADP E . 5.22 -1.34 11.24
C4' ADP E . 6.25 -1.16 12.35
O4' ADP E . 5.60 -1.14 13.63
C3' ADP E . 7.27 -2.29 12.39
O3' ADP E . 8.55 -1.78 12.00
C2' ADP E . 7.27 -2.79 13.82
O2' ADP E . 8.60 -2.89 14.36
C1' ADP E . 6.44 -1.78 14.59
N9 ADP E . 5.64 -2.39 15.68
C8 ADP E . 4.83 -3.46 15.58
N7 ADP E . 4.26 -3.74 16.78
C5 ADP E . 4.71 -2.84 17.67
C6 ADP E . 4.50 -2.56 19.11
N6 ADP E . 3.67 -3.35 19.83
N1 ADP E . 5.16 -1.51 19.65
C2 ADP E . 5.97 -0.74 18.93
N3 ADP E . 6.21 -0.93 17.62
C4 ADP E . 5.61 -1.95 16.95
H5'1 ADP E . 5.02 -0.38 10.77
H5'2 ADP E . 5.59 -2.02 10.50
H4' ADP E . 6.78 -0.22 12.18
H3' ADP E . 6.95 -3.10 11.72
HO3' ADP E . 9.21 -2.49 12.03
H2' ADP E . 6.77 -3.77 13.86
HO2' ADP E . 9.11 -3.52 13.83
H1' ADP E . 7.13 -1.03 15.02
H8 ADP E . 4.66 -4.03 14.67
HN61 ADP E . 3.19 -4.12 19.39
HN62 ADP E . 3.53 -3.17 20.81
H2 ADP E . 6.47 0.09 19.43
#